data_1A3L
#
_entry.id   1A3L
#
_cell.length_a   182.900
_cell.length_b   40.500
_cell.length_c   67.700
_cell.angle_alpha   90.00
_cell.angle_beta   109.00
_cell.angle_gamma   90.00
#
_symmetry.space_group_name_H-M   'C 1 2 1'
#
loop_
_entity.id
_entity.type
_entity.pdbx_description
1 polymer 'IMMUNOGLOBULIN FAB 13G5 (LIGHT CHAIN)'
2 polymer 'IMMUNOGLOBULIN FAB 13G5 (HEAVY CHAIN)'
3 non-polymer "1-CARBOXY-1'-[(DIMETHYLAMINO)-CARBONYL]FERROCENE"
4 water water
#
loop_
_entity_poly.entity_id
_entity_poly.type
_entity_poly.pdbx_seq_one_letter_code
_entity_poly.pdbx_strand_id
1 'polypeptide(L)'
;DIVLTQAAFSNPVTLGASASISCRSSKSLLNSNGIIHMYWYLQKPGQSPQLLIYQMSKLASGAPDRFSGSGSGTDFTLRI
SRVEAEDVGVYYCAQNLELPYTFGGGTKLEIKRADAAPTVSIFPPSSEQLTSGGASVVCFLNNFYPKDINVKWKIDGSER
QNGVLNSWTDQDTKDSTYSMSSTLTLTKDEYERHNSYTCEATHKTSTSPIVKSFNRN
;
L
2 'polypeptide(L)'
;EVQLEESGPELVRPGTSVKISCKASGYTFTNYWLGWVKQRPGHGFEWIGDIYPGGVYTTNNEKFRGKAILTADTSSSTAY
MQLSSLTSEDSAVYFCARAGGYYTGGDYWGQGTSVTVSSAKTTPPSVYPLAPGSAAQTNSMVTLGCLVKGYFPEPVTVTW
NSGSLSSGVHTFPAVLQSDLYTLSSSVTVPSSTWPSETVTCNVAHPASSTKVDKKIVP
;
H
#
loop_
_chem_comp.id
_chem_comp.type
_chem_comp.name
_chem_comp.formula
CFC non-polymer 1-CARBOXY-1'-[(DIMETHYLAMINO)-CARBONYL]FERROCENE 'C14 H15 Fe N O3'
#
# COMPACT_ATOMS: atom_id res chain seq x y z
N ASP A 1 4.27 -12.00 26.13
CA ASP A 1 4.18 -12.09 24.68
C ASP A 1 5.26 -13.02 24.16
N ILE A 2 4.96 -13.99 23.31
CA ILE A 2 6.04 -14.59 22.53
C ILE A 2 6.39 -13.60 21.41
N VAL A 3 7.62 -13.12 21.44
CA VAL A 3 8.15 -12.08 20.58
C VAL A 3 8.87 -12.68 19.37
N LEU A 4 8.39 -12.32 18.18
CA LEU A 4 9.02 -12.79 16.94
C LEU A 4 9.82 -11.65 16.32
N THR A 5 11.13 -11.82 16.27
CA THR A 5 12.05 -10.80 15.79
C THR A 5 12.44 -11.10 14.33
N GLN A 6 12.25 -10.13 13.47
CA GLN A 6 12.52 -9.99 12.06
C GLN A 6 13.11 -8.63 11.71
N ALA A 7 14.11 -8.60 10.85
CA ALA A 7 14.69 -7.38 10.31
C ALA A 7 13.72 -6.70 9.37
N ALA A 8 13.50 -5.39 9.43
CA ALA A 8 12.50 -4.85 8.49
C ALA A 8 13.00 -4.95 7.05
N PHE A 9 14.30 -5.05 6.87
CA PHE A 9 14.92 -4.92 5.56
C PHE A 9 15.82 -6.12 5.28
N SER A 10 15.97 -6.43 4.00
CA SER A 10 16.82 -7.52 3.51
C SER A 10 17.70 -6.99 2.39
N ASN A 11 18.80 -7.66 2.08
CA ASN A 11 19.69 -7.18 1.02
C ASN A 11 19.00 -7.36 -0.34
N PRO A 12 19.16 -6.40 -1.25
CA PRO A 12 18.60 -6.61 -2.59
C PRO A 12 19.11 -7.88 -3.23
N VAL A 13 18.18 -8.61 -3.85
CA VAL A 13 18.49 -9.91 -4.41
C VAL A 13 18.25 -9.94 -5.91
N THR A 14 19.24 -10.47 -6.62
CA THR A 14 19.25 -10.58 -8.08
C THR A 14 18.20 -11.57 -8.54
N LEU A 15 17.46 -11.20 -9.58
CA LEU A 15 16.48 -12.06 -10.23
C LEU A 15 17.08 -13.44 -10.48
N GLY A 16 16.42 -14.52 -10.09
CA GLY A 16 16.87 -15.87 -10.30
C GLY A 16 17.79 -16.45 -9.26
N ALA A 17 18.32 -15.64 -8.36
CA ALA A 17 19.14 -16.02 -7.23
C ALA A 17 18.31 -16.43 -6.01
N SER A 18 18.97 -16.97 -5.00
CA SER A 18 18.29 -17.44 -3.80
C SER A 18 18.13 -16.31 -2.79
N ALA A 19 17.05 -16.36 -2.01
CA ALA A 19 16.88 -15.39 -0.94
C ALA A 19 16.51 -16.13 0.35
N SER A 20 16.92 -15.54 1.46
CA SER A 20 16.54 -16.10 2.75
C SER A 20 16.06 -15.00 3.68
N ILE A 21 15.01 -15.30 4.44
CA ILE A 21 14.40 -14.45 5.46
C ILE A 21 14.46 -15.14 6.81
N SER A 22 14.87 -14.42 7.86
CA SER A 22 14.97 -15.12 9.14
C SER A 22 13.99 -14.57 10.17
N CYS A 23 13.62 -15.46 11.09
CA CYS A 23 12.71 -15.05 12.17
C CYS A 23 13.18 -15.70 13.46
N ARG A 24 13.22 -14.95 14.56
CA ARG A 24 13.65 -15.58 15.82
C ARG A 24 12.57 -15.46 16.90
N SER A 25 12.28 -16.58 17.56
CA SER A 25 11.25 -16.68 18.58
C SER A 25 11.82 -16.60 19.98
N SER A 26 11.17 -15.88 20.89
CA SER A 26 11.77 -15.72 22.22
C SER A 26 11.60 -16.99 23.05
N LYS A 27 10.70 -17.85 22.60
CA LYS A 27 10.41 -19.12 23.23
C LYS A 27 10.15 -20.22 22.19
N SER A 28 10.46 -21.46 22.58
CA SER A 28 10.32 -22.59 21.67
C SER A 28 8.86 -22.73 21.23
N LEU A 29 8.69 -22.97 19.94
CA LEU A 29 7.39 -23.10 19.31
C LEU A 29 7.01 -24.56 19.16
N LEU A 30 7.78 -25.44 19.79
CA LEU A 30 7.45 -26.85 19.76
C LEU A 30 6.39 -27.20 20.81
N ASN A 31 5.32 -27.86 20.39
CA ASN A 31 4.23 -28.36 21.22
C ASN A 31 4.56 -29.76 21.73
N SER A 32 3.87 -30.17 22.79
CA SER A 32 3.95 -31.51 23.35
C SER A 32 3.63 -32.60 22.33
N ASN A 33 2.89 -32.24 21.28
CA ASN A 33 2.39 -33.19 20.31
C ASN A 33 3.28 -33.30 19.09
N GLY A 34 4.36 -32.50 19.08
CA GLY A 34 5.31 -32.54 17.99
C GLY A 34 5.22 -31.41 17.00
N ILE A 35 4.11 -30.66 16.96
CA ILE A 35 4.03 -29.57 15.98
C ILE A 35 4.90 -28.39 16.36
N ILE A 36 5.58 -27.79 15.38
CA ILE A 36 6.28 -26.51 15.56
C ILE A 36 5.41 -25.39 15.00
N HIS A 37 4.97 -24.50 15.87
CA HIS A 37 3.95 -23.52 15.49
C HIS A 37 4.49 -22.29 14.80
N MET A 38 5.13 -22.46 13.65
CA MET A 38 5.66 -21.38 12.84
C MET A 38 5.02 -21.33 11.45
N TYR A 39 4.63 -20.12 11.06
CA TYR A 39 3.91 -19.78 9.86
C TYR A 39 4.55 -18.59 9.14
N TRP A 40 4.54 -18.64 7.81
CA TRP A 40 5.07 -17.56 7.00
C TRP A 40 3.98 -17.09 6.02
N TYR A 41 3.80 -15.78 6.02
CA TYR A 41 2.90 -15.05 5.13
C TYR A 41 3.66 -14.02 4.30
N LEU A 42 3.19 -13.81 3.08
CA LEU A 42 3.66 -12.71 2.25
C LEU A 42 2.53 -11.71 2.10
N GLN A 43 2.84 -10.42 2.14
CA GLN A 43 1.78 -9.48 1.78
C GLN A 43 2.34 -8.47 0.77
N LYS A 44 1.64 -8.36 -0.35
CA LYS A 44 1.96 -7.42 -1.40
C LYS A 44 1.11 -6.17 -1.18
N PRO A 45 1.65 -5.02 -1.56
CA PRO A 45 0.93 -3.77 -1.30
C PRO A 45 -0.49 -3.85 -1.84
N GLY A 46 -1.41 -3.39 -1.00
CA GLY A 46 -2.81 -3.34 -1.39
C GLY A 46 -3.41 -4.71 -1.49
N GLN A 47 -2.70 -5.73 -0.95
CA GLN A 47 -3.34 -7.04 -1.03
C GLN A 47 -3.47 -7.68 0.34
N SER A 48 -4.34 -8.68 0.43
CA SER A 48 -4.41 -9.42 1.70
C SER A 48 -3.23 -10.38 1.75
N PRO A 49 -2.84 -10.80 2.94
CA PRO A 49 -1.71 -11.73 3.09
C PRO A 49 -2.00 -13.09 2.48
N GLN A 50 -0.92 -13.75 2.11
CA GLN A 50 -0.87 -15.05 1.46
C GLN A 50 -0.01 -16.03 2.26
N LEU A 51 -0.62 -17.14 2.68
CA LEU A 51 0.12 -18.19 3.37
C LEU A 51 1.08 -18.87 2.41
N LEU A 52 2.34 -18.98 2.82
CA LEU A 52 3.36 -19.71 2.08
C LEU A 52 3.76 -21.02 2.75
N ILE A 53 4.07 -20.95 4.03
CA ILE A 53 4.58 -22.05 4.83
C ILE A 53 3.83 -22.19 6.15
N TYR A 54 3.46 -23.42 6.48
CA TYR A 54 2.84 -23.72 7.76
C TYR A 54 3.56 -24.82 8.51
N GLN A 55 3.51 -24.75 9.84
CA GLN A 55 4.17 -25.68 10.73
C GLN A 55 5.65 -25.80 10.37
N MET A 56 6.28 -24.64 10.25
CA MET A 56 7.70 -24.43 10.04
C MET A 56 8.18 -24.77 8.66
N SER A 57 7.73 -25.92 8.13
CA SER A 57 8.35 -26.39 6.90
C SER A 57 7.39 -26.97 5.88
N LYS A 58 6.08 -26.87 6.12
CA LYS A 58 5.08 -27.39 5.19
C LYS A 58 4.65 -26.33 4.18
N LEU A 59 4.63 -26.68 2.91
CA LEU A 59 4.27 -25.79 1.83
C LEU A 59 2.75 -25.62 1.69
N ALA A 60 2.29 -24.39 1.81
CA ALA A 60 0.87 -24.10 1.60
C ALA A 60 0.42 -24.37 0.17
N SER A 61 -0.80 -24.92 0.08
CA SER A 61 -1.40 -25.08 -1.23
C SER A 61 -1.54 -23.68 -1.80
N GLY A 62 -1.20 -23.52 -3.08
CA GLY A 62 -1.22 -22.21 -3.73
C GLY A 62 0.12 -21.51 -3.69
N ALA A 63 1.06 -21.96 -2.85
CA ALA A 63 2.38 -21.35 -2.84
C ALA A 63 3.33 -22.17 -3.72
N PRO A 64 4.11 -21.50 -4.56
CA PRO A 64 5.05 -22.20 -5.44
C PRO A 64 6.16 -22.86 -4.65
N ASP A 65 6.66 -24.00 -5.13
CA ASP A 65 7.63 -24.75 -4.36
C ASP A 65 9.02 -24.16 -4.43
N ARG A 66 9.13 -22.97 -5.01
CA ARG A 66 10.31 -22.15 -4.80
C ARG A 66 10.40 -21.78 -3.32
N PHE A 67 9.24 -21.75 -2.66
CA PHE A 67 9.23 -21.42 -1.23
C PHE A 67 9.47 -22.61 -0.33
N SER A 68 10.32 -22.41 0.68
CA SER A 68 10.59 -23.55 1.57
C SER A 68 10.89 -23.00 2.96
N GLY A 69 10.67 -23.81 3.98
CA GLY A 69 10.89 -23.32 5.34
C GLY A 69 11.66 -24.33 6.18
N SER A 70 12.45 -23.82 7.09
CA SER A 70 13.12 -24.68 8.08
C SER A 70 13.37 -23.90 9.36
N GLY A 71 13.90 -24.58 10.35
CA GLY A 71 14.29 -23.93 11.58
C GLY A 71 14.67 -24.93 12.66
N SER A 72 15.10 -24.44 13.81
CA SER A 72 15.19 -25.37 14.96
C SER A 72 13.83 -25.36 15.66
N GLY A 73 13.71 -24.85 16.87
CA GLY A 73 12.43 -24.56 17.47
C GLY A 73 12.32 -23.09 17.89
N THR A 74 13.33 -22.29 17.67
CA THR A 74 13.57 -20.89 18.02
C THR A 74 14.10 -19.99 16.90
N ASP A 75 14.84 -20.50 15.93
CA ASP A 75 15.37 -19.77 14.80
C ASP A 75 14.77 -20.40 13.54
N PHE A 76 14.14 -19.57 12.72
CA PHE A 76 13.42 -20.06 11.55
C PHE A 76 13.89 -19.32 10.32
N THR A 77 13.88 -20.02 9.19
CA THR A 77 14.31 -19.42 7.94
C THR A 77 13.31 -19.73 6.84
N LEU A 78 12.91 -18.67 6.13
CA LEU A 78 12.11 -18.82 4.92
C LEU A 78 13.06 -18.69 3.72
N ARG A 79 13.05 -19.64 2.80
CA ARG A 79 13.97 -19.54 1.67
C ARG A 79 13.21 -19.46 0.35
N ILE A 80 13.74 -18.69 -0.59
CA ILE A 80 13.19 -18.64 -1.95
C ILE A 80 14.29 -19.17 -2.87
N SER A 81 14.10 -20.29 -3.54
CA SER A 81 15.18 -20.92 -4.32
C SER A 81 15.63 -20.04 -5.47
N ARG A 82 14.68 -19.55 -6.24
CA ARG A 82 14.91 -18.63 -7.34
C ARG A 82 13.93 -17.46 -7.26
N VAL A 83 14.41 -16.25 -6.97
CA VAL A 83 13.49 -15.13 -6.82
C VAL A 83 13.00 -14.55 -8.14
N GLU A 84 11.73 -14.18 -8.15
CA GLU A 84 11.07 -13.54 -9.28
C GLU A 84 10.79 -12.07 -8.96
N ALA A 85 10.56 -11.25 -9.96
CA ALA A 85 10.23 -9.86 -9.67
C ALA A 85 8.94 -9.70 -8.88
N GLU A 86 7.97 -10.57 -9.11
CA GLU A 86 6.67 -10.42 -8.44
C GLU A 86 6.72 -10.86 -6.99
N ASP A 87 7.91 -11.22 -6.52
CA ASP A 87 8.01 -11.72 -5.14
C ASP A 87 8.21 -10.57 -4.17
N VAL A 88 8.30 -9.35 -4.71
CA VAL A 88 8.52 -8.22 -3.82
C VAL A 88 7.31 -7.98 -2.93
N GLY A 89 7.66 -7.65 -1.69
CA GLY A 89 6.63 -7.42 -0.70
C GLY A 89 7.17 -7.67 0.69
N VAL A 90 6.25 -7.84 1.62
CA VAL A 90 6.69 -7.98 3.01
C VAL A 90 6.35 -9.37 3.52
N TYR A 91 7.38 -10.04 4.02
CA TYR A 91 7.22 -11.40 4.51
C TYR A 91 7.09 -11.39 6.03
N TYR A 92 6.03 -12.02 6.51
CA TYR A 92 5.78 -12.14 7.93
C TYR A 92 5.86 -13.56 8.51
N CYS A 93 6.53 -13.70 9.67
CA CYS A 93 6.41 -14.89 10.49
C CYS A 93 5.33 -14.70 11.56
N ALA A 94 4.86 -15.83 12.08
CA ALA A 94 3.74 -15.83 13.04
C ALA A 94 3.74 -17.09 13.87
N GLN A 95 3.14 -16.99 15.07
CA GLN A 95 3.04 -18.15 15.93
C GLN A 95 1.62 -18.28 16.49
N ASN A 96 1.18 -19.51 16.70
CA ASN A 96 -0.03 -19.74 17.47
C ASN A 96 0.17 -20.79 18.54
N LEU A 97 1.37 -20.91 19.10
CA LEU A 97 1.56 -21.88 20.17
C LEU A 97 0.83 -21.48 21.45
N GLU A 98 1.00 -20.22 21.81
CA GLU A 98 0.56 -19.66 23.09
C GLU A 98 -0.23 -18.38 22.88
N LEU A 99 -1.15 -18.08 23.80
CA LEU A 99 -1.87 -16.82 23.70
C LEU A 99 -1.04 -15.71 24.33
N PRO A 100 -1.08 -14.49 23.79
CA PRO A 100 -1.78 -14.20 22.53
C PRO A 100 -0.94 -14.64 21.34
N TYR A 101 -1.64 -14.99 20.26
CA TYR A 101 -0.90 -15.31 19.03
C TYR A 101 -0.18 -14.04 18.57
N THR A 102 0.99 -14.16 17.94
CA THR A 102 1.80 -13.03 17.53
C THR A 102 2.43 -13.19 16.14
N PHE A 103 2.71 -12.05 15.53
CA PHE A 103 3.36 -11.87 14.26
C PHE A 103 4.70 -11.17 14.44
N GLY A 104 5.67 -11.50 13.58
CA GLY A 104 6.92 -10.74 13.63
C GLY A 104 6.74 -9.44 12.87
N GLY A 105 7.72 -8.53 12.85
CA GLY A 105 7.48 -7.19 12.34
C GLY A 105 7.52 -7.07 10.84
N GLY A 106 7.77 -8.18 10.15
CA GLY A 106 7.83 -8.21 8.70
C GLY A 106 9.18 -7.81 8.13
N THR A 107 9.62 -8.48 7.07
CA THR A 107 10.85 -8.17 6.34
C THR A 107 10.48 -7.88 4.88
N LYS A 108 10.89 -6.73 4.35
CA LYS A 108 10.61 -6.36 2.97
C LYS A 108 11.67 -6.95 2.05
N LEU A 109 11.21 -7.65 1.02
CA LEU A 109 12.13 -8.24 0.06
C LEU A 109 12.35 -7.21 -1.04
N GLU A 110 13.60 -7.06 -1.50
CA GLU A 110 13.79 -6.17 -2.65
C GLU A 110 14.68 -6.82 -3.70
N ILE A 111 14.32 -6.58 -4.96
CA ILE A 111 15.10 -7.09 -6.07
C ILE A 111 16.20 -6.11 -6.46
N LYS A 112 17.39 -6.67 -6.69
CA LYS A 112 18.49 -5.90 -7.24
C LYS A 112 18.46 -6.04 -8.77
N ARG A 113 18.42 -4.90 -9.47
CA ARG A 113 18.46 -4.98 -10.93
C ARG A 113 19.46 -3.94 -11.42
N ALA A 114 19.61 -3.91 -12.74
CA ALA A 114 20.61 -2.97 -13.28
C ALA A 114 20.14 -1.54 -13.01
N ASP A 115 21.08 -0.66 -12.69
CA ASP A 115 20.73 0.74 -12.46
C ASP A 115 19.95 1.29 -13.64
N ALA A 116 19.04 2.20 -13.38
CA ALA A 116 18.33 2.93 -14.41
C ALA A 116 18.09 4.37 -13.99
N ALA A 117 18.39 5.30 -14.90
CA ALA A 117 18.22 6.71 -14.63
C ALA A 117 16.76 7.14 -14.67
N PRO A 118 16.36 8.11 -13.87
CA PRO A 118 14.93 8.49 -13.87
C PRO A 118 14.52 9.23 -15.15
N THR A 119 13.25 9.09 -15.49
CA THR A 119 12.65 9.92 -16.52
C THR A 119 11.91 11.07 -15.84
N VAL A 120 12.33 12.30 -16.08
CA VAL A 120 11.83 13.44 -15.32
C VAL A 120 10.92 14.31 -16.17
N SER A 121 9.78 14.68 -15.59
CA SER A 121 8.84 15.57 -16.29
C SER A 121 8.35 16.61 -15.27
N ILE A 122 8.17 17.84 -15.72
CA ILE A 122 7.65 18.92 -14.88
C ILE A 122 6.35 19.47 -15.45
N PHE A 123 5.45 19.87 -14.57
CA PHE A 123 4.14 20.41 -14.96
C PHE A 123 3.78 21.65 -14.15
N PRO A 124 3.31 22.70 -14.80
CA PRO A 124 2.95 23.93 -14.08
C PRO A 124 1.55 23.85 -13.49
N PRO A 125 1.16 24.81 -12.66
CA PRO A 125 -0.19 24.71 -12.08
C PRO A 125 -1.24 24.77 -13.18
N SER A 126 -2.41 24.22 -12.90
CA SER A 126 -3.51 24.25 -13.85
C SER A 126 -4.27 25.56 -13.72
N SER A 127 -4.99 25.99 -14.76
CA SER A 127 -5.77 27.23 -14.67
C SER A 127 -6.78 27.10 -13.53
N GLU A 128 -7.28 25.89 -13.38
CA GLU A 128 -8.32 25.51 -12.45
C GLU A 128 -7.87 25.71 -11.01
N GLN A 129 -6.65 25.28 -10.71
CA GLN A 129 -6.15 25.47 -9.36
C GLN A 129 -5.83 26.93 -9.05
N LEU A 130 -5.29 27.64 -10.02
CA LEU A 130 -4.86 29.02 -9.83
C LEU A 130 -6.08 29.87 -9.47
N THR A 131 -7.20 29.52 -10.08
CA THR A 131 -8.47 30.19 -9.84
C THR A 131 -8.85 30.14 -8.36
N SER A 132 -8.49 29.07 -7.69
CA SER A 132 -8.71 28.76 -6.30
C SER A 132 -7.63 29.37 -5.41
N GLY A 133 -6.60 29.95 -6.04
CA GLY A 133 -5.59 30.65 -5.27
C GLY A 133 -4.41 29.80 -4.89
N GLY A 134 -4.34 28.62 -5.51
CA GLY A 134 -3.28 27.66 -5.26
C GLY A 134 -2.39 27.47 -6.47
N ALA A 135 -1.14 27.09 -6.25
CA ALA A 135 -0.24 26.81 -7.38
C ALA A 135 0.77 25.73 -7.01
N SER A 136 0.47 24.52 -7.46
CA SER A 136 1.32 23.37 -7.26
C SER A 136 2.09 23.06 -8.54
N VAL A 137 3.39 22.93 -8.41
CA VAL A 137 4.23 22.53 -9.55
C VAL A 137 4.69 21.09 -9.34
N VAL A 138 4.38 20.24 -10.31
CA VAL A 138 4.63 18.81 -10.16
C VAL A 138 5.81 18.34 -11.02
N CYS A 139 6.60 17.45 -10.42
CA CYS A 139 7.72 16.80 -11.06
C CYS A 139 7.62 15.29 -10.85
N PHE A 140 7.59 14.53 -11.94
CA PHE A 140 7.66 13.07 -11.83
C PHE A 140 9.07 12.60 -12.19
N LEU A 141 9.53 11.65 -11.38
CA LEU A 141 10.82 11.00 -11.55
C LEU A 141 10.52 9.50 -11.59
N ASN A 142 10.32 8.97 -12.80
CA ASN A 142 9.80 7.62 -12.98
C ASN A 142 10.80 6.58 -13.45
N ASN A 143 10.56 5.36 -12.97
CA ASN A 143 11.25 4.14 -13.32
C ASN A 143 12.77 4.23 -13.20
N PHE A 144 13.24 4.48 -11.99
CA PHE A 144 14.68 4.50 -11.72
C PHE A 144 15.10 3.36 -10.80
N TYR A 145 16.39 3.10 -10.72
CA TYR A 145 17.01 2.12 -9.84
C TYR A 145 18.47 2.52 -9.68
N PRO A 146 19.01 2.50 -8.47
CA PRO A 146 18.31 2.15 -7.25
C PRO A 146 17.37 3.22 -6.71
N LYS A 147 16.75 2.91 -5.58
CA LYS A 147 15.74 3.69 -4.91
C LYS A 147 16.25 5.03 -4.43
N ASP A 148 17.53 5.10 -4.05
CA ASP A 148 18.07 6.35 -3.53
C ASP A 148 18.09 7.45 -4.57
N ILE A 149 17.46 8.58 -4.25
CA ILE A 149 17.41 9.67 -5.23
C ILE A 149 17.17 10.97 -4.47
N ASN A 150 17.60 12.09 -5.06
CA ASN A 150 17.30 13.35 -4.40
C ASN A 150 16.76 14.35 -5.42
N VAL A 151 15.88 15.23 -4.96
CA VAL A 151 15.31 16.26 -5.83
C VAL A 151 15.55 17.64 -5.20
N LYS A 152 15.88 18.60 -6.05
CA LYS A 152 16.05 19.98 -5.63
C LYS A 152 15.17 20.89 -6.49
N TRP A 153 14.40 21.76 -5.83
CA TRP A 153 13.63 22.76 -6.57
C TRP A 153 14.38 24.09 -6.61
N LYS A 154 14.17 24.83 -7.69
CA LYS A 154 14.75 26.17 -7.77
C LYS A 154 13.72 27.12 -8.36
N ILE A 155 13.60 28.29 -7.75
CA ILE A 155 12.70 29.32 -8.26
C ILE A 155 13.55 30.54 -8.62
N ASP A 156 13.49 30.93 -9.89
CA ASP A 156 14.33 31.98 -10.43
C ASP A 156 15.79 31.69 -10.05
N GLY A 157 16.19 30.44 -10.21
CA GLY A 157 17.51 29.95 -9.91
C GLY A 157 17.88 29.91 -8.45
N SER A 158 16.96 30.14 -7.52
CA SER A 158 17.32 29.95 -6.12
C SER A 158 16.74 28.66 -5.56
N GLU A 159 17.55 27.90 -4.80
CA GLU A 159 17.09 26.62 -4.29
C GLU A 159 15.90 26.82 -3.37
N ARG A 160 14.90 25.96 -3.48
CA ARG A 160 13.69 26.14 -2.70
C ARG A 160 13.37 24.88 -1.91
N GLN A 161 13.29 24.97 -0.58
CA GLN A 161 12.92 23.76 0.16
C GLN A 161 11.49 23.81 0.66
N ASN A 162 11.05 24.98 1.11
CA ASN A 162 9.73 25.21 1.69
C ASN A 162 8.59 24.90 0.72
N GLY A 163 7.68 24.04 1.13
CA GLY A 163 6.46 23.72 0.40
C GLY A 163 6.63 22.54 -0.55
N VAL A 164 7.69 21.77 -0.33
CA VAL A 164 7.96 20.57 -1.10
C VAL A 164 7.54 19.30 -0.34
N LEU A 165 6.76 18.48 -1.01
CA LEU A 165 6.28 17.18 -0.54
C LEU A 165 6.59 16.10 -1.58
N ASN A 166 7.20 15.02 -1.13
CA ASN A 166 7.69 13.90 -1.91
C ASN A 166 6.95 12.61 -1.58
N SER A 167 6.76 11.75 -2.57
CA SER A 167 6.13 10.45 -2.32
C SER A 167 6.77 9.41 -3.24
N TRP A 168 7.08 8.25 -2.68
CA TRP A 168 7.74 7.18 -3.46
C TRP A 168 6.77 6.03 -3.67
N THR A 169 6.80 5.41 -4.86
CA THR A 169 6.07 4.17 -5.02
C THR A 169 6.86 3.02 -4.40
N ASP A 170 6.19 1.92 -4.19
CA ASP A 170 6.78 0.62 -3.89
C ASP A 170 7.51 0.08 -5.12
N GLN A 171 8.42 -0.86 -4.92
CA GLN A 171 9.12 -1.42 -6.07
C GLN A 171 8.15 -2.06 -7.07
N ASP A 172 8.28 -1.77 -8.36
CA ASP A 172 7.38 -2.29 -9.37
C ASP A 172 7.48 -3.81 -9.45
N THR A 173 6.36 -4.53 -9.43
CA THR A 173 6.41 -5.99 -9.44
C THR A 173 6.85 -6.57 -10.78
N LYS A 174 6.99 -5.74 -11.81
CA LYS A 174 7.34 -6.23 -13.13
C LYS A 174 8.72 -5.79 -13.59
N ASP A 175 9.01 -4.49 -13.51
CA ASP A 175 10.35 -4.04 -13.95
C ASP A 175 11.31 -3.76 -12.81
N SER A 176 10.90 -3.88 -11.55
CA SER A 176 11.74 -3.72 -10.37
C SER A 176 12.37 -2.34 -10.25
N THR A 177 11.77 -1.33 -10.87
CA THR A 177 12.17 0.05 -10.65
C THR A 177 11.33 0.73 -9.57
N TYR A 178 11.63 1.99 -9.34
CA TYR A 178 10.98 2.86 -8.38
C TYR A 178 10.56 4.15 -9.09
N SER A 179 9.62 4.88 -8.51
CA SER A 179 9.24 6.15 -9.13
C SER A 179 9.01 7.11 -7.96
N MET A 180 9.05 8.40 -8.21
CA MET A 180 8.89 9.38 -7.14
C MET A 180 8.19 10.62 -7.69
N SER A 181 7.27 11.19 -6.92
CA SER A 181 6.68 12.47 -7.34
C SER A 181 7.14 13.52 -6.34
N SER A 182 7.41 14.72 -6.84
CA SER A 182 7.80 15.82 -5.98
C SER A 182 6.88 16.99 -6.28
N THR A 183 6.24 17.54 -5.25
CA THR A 183 5.32 18.64 -5.54
C THR A 183 5.64 19.86 -4.68
N LEU A 184 5.85 20.98 -5.34
CA LEU A 184 6.09 22.28 -4.71
C LEU A 184 4.77 23.04 -4.71
N THR A 185 4.25 23.27 -3.51
CA THR A 185 2.96 23.91 -3.47
C THR A 185 3.09 25.34 -2.95
N LEU A 186 2.72 26.30 -3.79
CA LEU A 186 2.78 27.70 -3.39
C LEU A 186 1.38 28.30 -3.41
N THR A 187 1.30 29.56 -2.98
CA THR A 187 0.09 30.36 -3.21
C THR A 187 0.21 31.05 -4.56
N LYS A 188 -0.95 31.40 -5.12
CA LYS A 188 -0.95 32.09 -6.39
C LYS A 188 -0.08 33.34 -6.31
N ASP A 189 -0.22 34.07 -5.20
CA ASP A 189 0.58 35.28 -5.02
C ASP A 189 2.06 34.99 -5.23
N GLU A 190 2.52 33.98 -4.50
CA GLU A 190 3.95 33.69 -4.60
C GLU A 190 4.31 33.21 -6.00
N TYR A 191 3.42 32.42 -6.62
CA TYR A 191 3.78 31.86 -7.92
C TYR A 191 4.00 32.94 -8.97
N GLU A 192 3.14 33.94 -8.93
CA GLU A 192 3.10 35.08 -9.83
C GLU A 192 4.25 36.06 -9.63
N ARG A 193 4.95 35.99 -8.49
CA ARG A 193 6.10 36.86 -8.25
C ARG A 193 7.41 36.34 -8.82
N HIS A 194 7.41 35.17 -9.43
CA HIS A 194 8.60 34.60 -10.04
C HIS A 194 8.26 34.02 -11.41
N ASN A 195 9.30 33.72 -12.18
CA ASN A 195 9.13 33.31 -13.56
C ASN A 195 9.61 31.89 -13.88
N SER A 196 10.81 31.57 -13.38
CA SER A 196 11.39 30.27 -13.74
C SER A 196 11.27 29.25 -12.61
N TYR A 197 10.77 28.08 -12.96
CA TYR A 197 10.55 26.97 -12.04
C TYR A 197 11.26 25.71 -12.55
N THR A 198 12.10 25.17 -11.70
CA THR A 198 13.01 24.09 -12.05
C THR A 198 13.05 22.98 -11.00
N CYS A 199 13.08 21.76 -11.50
CA CYS A 199 13.16 20.53 -10.71
C CYS A 199 14.43 19.82 -11.18
N GLU A 200 15.34 19.48 -10.28
CA GLU A 200 16.59 18.81 -10.66
C GLU A 200 16.75 17.47 -9.94
N ALA A 201 17.01 16.44 -10.74
CA ALA A 201 17.18 15.11 -10.19
C ALA A 201 18.66 14.70 -10.14
N THR A 202 19.05 14.23 -8.96
CA THR A 202 20.38 13.68 -8.75
C THR A 202 20.29 12.22 -8.29
N HIS A 203 20.88 11.34 -9.08
CA HIS A 203 20.82 9.91 -8.97
C HIS A 203 22.20 9.31 -9.27
N LYS A 204 22.51 8.15 -8.71
CA LYS A 204 23.84 7.58 -8.92
C LYS A 204 24.17 7.30 -10.38
N THR A 205 23.19 7.31 -11.27
CA THR A 205 23.50 6.96 -12.66
C THR A 205 24.24 8.06 -13.39
N SER A 206 24.46 9.20 -12.73
CA SER A 206 25.20 10.25 -13.41
C SER A 206 25.61 11.36 -12.45
N THR A 207 26.83 11.87 -12.63
CA THR A 207 27.32 12.99 -11.84
C THR A 207 26.53 14.28 -12.12
N SER A 208 25.85 14.33 -13.25
CA SER A 208 25.08 15.50 -13.66
C SER A 208 23.60 15.35 -13.32
N PRO A 209 23.02 16.35 -12.65
CA PRO A 209 21.58 16.33 -12.40
C PRO A 209 20.79 16.32 -13.71
N ILE A 210 19.57 15.78 -13.64
CA ILE A 210 18.63 15.90 -14.76
C ILE A 210 17.72 17.08 -14.48
N VAL A 211 17.79 18.09 -15.32
CA VAL A 211 17.12 19.36 -15.10
C VAL A 211 15.94 19.54 -16.06
N LYS A 212 14.78 19.79 -15.48
CA LYS A 212 13.58 20.12 -16.23
C LYS A 212 13.07 21.46 -15.70
N SER A 213 12.65 22.32 -16.61
CA SER A 213 12.16 23.62 -16.19
C SER A 213 11.02 24.14 -17.03
N PHE A 214 10.39 25.20 -16.53
CA PHE A 214 9.48 26.01 -17.34
C PHE A 214 9.49 27.44 -16.83
N ASN A 215 9.04 28.34 -17.69
CA ASN A 215 8.92 29.76 -17.33
C ASN A 215 7.47 30.20 -17.46
N ARG A 216 6.94 30.84 -16.43
CA ARG A 216 5.53 31.22 -16.38
C ARG A 216 5.09 31.97 -17.62
N ASN A 217 6.00 32.68 -18.25
CA ASN A 217 5.68 33.49 -19.43
C ASN A 217 6.03 32.79 -20.73
N GLU B 1 -16.11 -22.59 -4.49
CA GLU B 1 -15.01 -21.65 -4.28
C GLU B 1 -15.19 -20.86 -2.98
N VAL B 2 -14.24 -21.04 -2.10
CA VAL B 2 -14.24 -20.38 -0.80
C VAL B 2 -14.01 -18.89 -1.00
N GLN B 3 -14.91 -18.10 -0.43
CA GLN B 3 -14.78 -16.66 -0.47
C GLN B 3 -15.11 -16.13 0.93
N LEU B 4 -14.42 -15.06 1.28
CA LEU B 4 -14.73 -14.32 2.51
C LEU B 4 -14.93 -12.87 2.10
N GLU B 5 -16.15 -12.38 2.21
CA GLU B 5 -16.50 -11.04 1.80
C GLU B 5 -16.71 -10.11 3.01
N GLU B 6 -15.82 -9.13 3.10
CA GLU B 6 -15.88 -8.16 4.17
C GLU B 6 -16.72 -6.93 3.84
N SER B 7 -17.30 -6.32 4.86
CA SER B 7 -18.09 -5.11 4.76
C SER B 7 -17.24 -3.91 4.39
N GLY B 8 -17.87 -2.82 3.96
CA GLY B 8 -17.25 -1.68 3.34
C GLY B 8 -16.52 -0.76 4.30
N PRO B 9 -15.72 0.17 3.78
CA PRO B 9 -14.93 1.06 4.62
C PRO B 9 -15.81 1.84 5.59
N GLU B 10 -15.25 2.10 6.75
CA GLU B 10 -15.96 2.86 7.76
C GLU B 10 -15.26 4.15 8.14
N LEU B 11 -16.03 5.22 8.25
CA LEU B 11 -15.58 6.48 8.82
C LEU B 11 -16.51 6.82 10.00
N VAL B 12 -15.93 6.75 11.20
CA VAL B 12 -16.72 6.89 12.41
C VAL B 12 -16.01 7.75 13.44
N ARG B 13 -16.80 8.29 14.38
CA ARG B 13 -16.23 9.20 15.37
C ARG B 13 -15.69 8.47 16.58
N PRO B 14 -14.64 9.05 17.16
CA PRO B 14 -14.07 8.42 18.35
C PRO B 14 -15.13 8.25 19.44
N GLY B 15 -14.97 7.21 20.25
CA GLY B 15 -15.84 6.96 21.38
C GLY B 15 -17.08 6.16 20.99
N THR B 16 -17.33 6.02 19.70
CA THR B 16 -18.42 5.17 19.22
C THR B 16 -17.94 3.72 19.08
N SER B 17 -18.86 2.86 18.69
CA SER B 17 -18.60 1.46 18.39
C SER B 17 -18.93 1.18 16.93
N VAL B 18 -18.25 0.20 16.35
CA VAL B 18 -18.56 -0.18 14.97
C VAL B 18 -18.54 -1.70 14.90
N LYS B 19 -19.40 -2.21 14.06
CA LYS B 19 -19.54 -3.63 13.84
C LYS B 19 -19.32 -3.97 12.38
N ILE B 20 -18.21 -4.67 12.15
CA ILE B 20 -17.82 -5.02 10.80
C ILE B 20 -18.00 -6.51 10.56
N SER B 21 -18.18 -6.89 9.29
CA SER B 21 -18.61 -8.26 9.05
C SER B 21 -17.75 -8.96 7.99
N CYS B 22 -17.80 -10.28 8.06
CA CYS B 22 -17.06 -11.20 7.23
C CYS B 22 -17.99 -12.34 6.78
N LYS B 23 -18.60 -12.19 5.61
CA LYS B 23 -19.49 -13.17 5.00
C LYS B 23 -18.70 -14.24 4.25
N ALA B 24 -18.94 -15.48 4.65
CA ALA B 24 -18.24 -16.63 4.12
C ALA B 24 -19.10 -17.36 3.09
N SER B 25 -18.47 -17.98 2.12
CA SER B 25 -19.21 -18.86 1.20
C SER B 25 -18.25 -19.93 0.69
N GLY B 26 -18.80 -20.98 0.08
CA GLY B 26 -18.01 -22.03 -0.51
C GLY B 26 -17.62 -23.18 0.39
N TYR B 27 -18.06 -23.23 1.65
CA TYR B 27 -17.68 -24.31 2.55
C TYR B 27 -18.66 -24.40 3.71
N THR B 28 -18.54 -25.43 4.54
CA THR B 28 -19.41 -25.53 5.72
C THR B 28 -18.94 -24.58 6.80
N PHE B 29 -19.69 -23.52 7.07
CA PHE B 29 -19.32 -22.36 7.87
C PHE B 29 -19.00 -22.77 9.30
N THR B 30 -19.77 -23.73 9.82
CA THR B 30 -19.60 -24.13 11.21
C THR B 30 -18.34 -24.94 11.46
N ASN B 31 -17.72 -25.42 10.40
CA ASN B 31 -16.67 -26.41 10.53
C ASN B 31 -15.28 -25.81 10.63
N TYR B 32 -15.13 -24.52 10.40
CA TYR B 32 -13.80 -23.92 10.36
C TYR B 32 -13.68 -22.73 11.31
N TRP B 33 -12.50 -22.59 11.91
CA TRP B 33 -12.22 -21.39 12.71
C TRP B 33 -12.00 -20.23 11.73
N LEU B 34 -12.40 -19.04 12.10
CA LEU B 34 -12.09 -17.80 11.39
C LEU B 34 -11.30 -16.89 12.34
N GLY B 35 -10.24 -16.28 11.82
CA GLY B 35 -9.45 -15.40 12.68
C GLY B 35 -9.47 -13.97 12.18
N TRP B 36 -9.28 -13.04 13.11
CA TRP B 36 -9.27 -11.63 12.75
C TRP B 36 -7.94 -11.00 13.14
N VAL B 37 -7.39 -10.16 12.27
CA VAL B 37 -6.13 -9.50 12.49
C VAL B 37 -6.29 -8.02 12.14
N LYS B 38 -5.48 -7.21 12.81
CA LYS B 38 -5.43 -5.77 12.63
C LYS B 38 -4.15 -5.32 11.91
N GLN B 39 -4.27 -4.41 10.95
CA GLN B 39 -3.11 -3.84 10.27
C GLN B 39 -3.21 -2.32 10.19
N ARG B 40 -2.42 -1.66 11.03
CA ARG B 40 -2.49 -0.20 11.12
C ARG B 40 -1.68 0.41 9.97
N PRO B 41 -2.16 1.50 9.40
CA PRO B 41 -1.52 2.10 8.22
C PRO B 41 -0.01 2.22 8.39
N GLY B 42 0.71 1.45 7.57
CA GLY B 42 2.16 1.41 7.63
C GLY B 42 2.68 0.56 8.78
N HIS B 43 1.81 -0.28 9.33
CA HIS B 43 2.18 -1.16 10.44
C HIS B 43 2.14 -2.63 10.01
N GLY B 44 2.59 -3.50 10.90
CA GLY B 44 2.53 -4.93 10.70
C GLY B 44 1.18 -5.47 11.13
N PHE B 45 1.09 -6.74 11.50
CA PHE B 45 -0.12 -7.42 11.91
C PHE B 45 -0.20 -7.72 13.40
N GLU B 46 -1.42 -7.62 13.90
CA GLU B 46 -1.74 -7.89 15.30
C GLU B 46 -2.95 -8.82 15.31
N TRP B 47 -2.88 -9.87 16.12
CA TRP B 47 -3.95 -10.85 16.22
C TRP B 47 -5.02 -10.43 17.22
N ILE B 48 -6.29 -10.51 16.83
CA ILE B 48 -7.39 -10.12 17.72
C ILE B 48 -8.12 -11.29 18.34
N GLY B 49 -8.52 -12.26 17.52
CA GLY B 49 -9.20 -13.44 18.04
C GLY B 49 -9.64 -14.39 16.93
N ASP B 50 -10.04 -15.59 17.30
CA ASP B 50 -10.51 -16.68 16.49
C ASP B 50 -11.94 -17.00 16.96
N ILE B 51 -12.78 -17.46 16.04
CA ILE B 51 -14.14 -17.86 16.40
C ILE B 51 -14.48 -19.17 15.69
N TYR B 52 -15.06 -20.12 16.43
CA TYR B 52 -15.53 -21.35 15.81
C TYR B 52 -17.06 -21.30 15.73
N PRO B 53 -17.64 -21.12 14.55
CA PRO B 53 -19.08 -20.91 14.49
C PRO B 53 -19.92 -22.11 14.89
N GLY B 54 -19.41 -23.33 14.77
CA GLY B 54 -20.16 -24.51 15.20
C GLY B 54 -20.29 -24.62 16.70
N GLY B 55 -19.57 -23.79 17.45
CA GLY B 55 -19.51 -23.90 18.88
C GLY B 55 -20.67 -23.27 19.62
N VAL B 56 -20.72 -21.95 19.75
CA VAL B 56 -19.74 -21.01 19.24
C VAL B 56 -18.58 -20.87 20.22
N TYR B 57 -17.33 -21.05 19.79
CA TYR B 57 -16.23 -20.89 20.73
C TYR B 57 -15.37 -19.72 20.26
N THR B 58 -14.67 -19.07 21.16
CA THR B 58 -13.72 -18.03 20.78
C THR B 58 -12.46 -18.15 21.62
N THR B 59 -11.35 -17.71 21.03
CA THR B 59 -10.10 -17.53 21.74
C THR B 59 -9.64 -16.10 21.44
N ASN B 60 -9.24 -15.36 22.47
CA ASN B 60 -9.11 -13.93 22.25
C ASN B 60 -7.77 -13.38 22.74
N ASN B 61 -7.39 -12.24 22.15
CA ASN B 61 -6.21 -11.52 22.58
C ASN B 61 -6.63 -10.57 23.71
N GLU B 62 -6.22 -10.89 24.94
CA GLU B 62 -6.60 -10.11 26.12
C GLU B 62 -6.09 -8.69 26.03
N LYS B 63 -5.13 -8.40 25.15
CA LYS B 63 -4.82 -6.99 24.94
C LYS B 63 -6.04 -6.21 24.46
N PHE B 64 -7.02 -6.87 23.86
CA PHE B 64 -8.25 -6.24 23.39
C PHE B 64 -9.47 -6.51 24.28
N ARG B 65 -9.30 -7.01 25.50
CA ARG B 65 -10.51 -7.21 26.31
C ARG B 65 -11.17 -5.86 26.55
N GLY B 66 -12.44 -5.75 26.22
CA GLY B 66 -13.21 -4.52 26.39
C GLY B 66 -13.20 -3.68 25.14
N LYS B 67 -12.37 -4.07 24.18
CA LYS B 67 -12.33 -3.34 22.92
C LYS B 67 -13.02 -4.14 21.82
N ALA B 68 -12.76 -5.46 21.77
CA ALA B 68 -13.28 -6.19 20.62
C ALA B 68 -14.05 -7.42 21.04
N ILE B 69 -15.15 -7.73 20.36
CA ILE B 69 -15.91 -8.93 20.62
C ILE B 69 -16.33 -9.64 19.34
N LEU B 70 -16.12 -10.95 19.30
CA LEU B 70 -16.38 -11.75 18.11
C LEU B 70 -17.68 -12.54 18.25
N THR B 71 -18.49 -12.56 17.21
CA THR B 71 -19.75 -13.28 17.20
C THR B 71 -20.00 -13.84 15.80
N ALA B 72 -20.91 -14.80 15.70
CA ALA B 72 -21.21 -15.34 14.38
C ALA B 72 -22.69 -15.67 14.25
N ASP B 73 -23.15 -15.57 13.00
CA ASP B 73 -24.53 -15.93 12.68
C ASP B 73 -24.55 -17.09 11.70
N THR B 74 -24.95 -18.25 12.21
CA THR B 74 -24.98 -19.45 11.39
C THR B 74 -25.96 -19.34 10.23
N SER B 75 -27.11 -18.72 10.50
CA SER B 75 -28.13 -18.61 9.45
C SER B 75 -27.62 -17.87 8.23
N SER B 76 -26.72 -16.89 8.39
CA SER B 76 -26.29 -16.19 7.18
C SER B 76 -24.80 -16.34 6.93
N SER B 77 -24.15 -17.26 7.62
CA SER B 77 -22.73 -17.53 7.40
C SER B 77 -21.90 -16.25 7.45
N THR B 78 -22.15 -15.45 8.48
CA THR B 78 -21.44 -14.19 8.66
C THR B 78 -20.81 -14.11 10.05
N ALA B 79 -19.54 -13.76 10.08
CA ALA B 79 -18.81 -13.50 11.32
C ALA B 79 -18.74 -11.98 11.50
N TYR B 80 -18.86 -11.54 12.75
CA TYR B 80 -18.79 -10.12 13.02
C TYR B 80 -17.69 -9.86 14.07
N MET B 81 -17.14 -8.65 13.99
CA MET B 81 -16.27 -8.11 15.02
C MET B 81 -16.78 -6.72 15.39
N GLN B 82 -17.08 -6.56 16.67
CA GLN B 82 -17.57 -5.32 17.24
C GLN B 82 -16.43 -4.63 18.00
N LEU B 83 -16.09 -3.41 17.58
CA LEU B 83 -15.05 -2.64 18.23
C LEU B 83 -15.66 -1.43 18.93
N SER B 84 -15.33 -1.19 20.19
CA SER B 84 -16.00 -0.11 20.92
C SER B 84 -15.03 0.85 21.59
N SER B 85 -15.53 1.97 22.11
CA SER B 85 -14.69 3.04 22.65
C SER B 85 -13.61 3.46 21.69
N LEU B 86 -13.97 3.56 20.41
CA LEU B 86 -12.96 3.75 19.39
C LEU B 86 -12.07 4.97 19.57
N THR B 87 -10.81 4.78 19.20
CA THR B 87 -9.79 5.80 19.13
C THR B 87 -9.00 5.69 17.82
N SER B 88 -8.21 6.70 17.53
CA SER B 88 -7.39 6.78 16.33
C SER B 88 -6.39 5.62 16.27
N GLU B 89 -6.11 5.01 17.40
CA GLU B 89 -5.34 3.79 17.56
C GLU B 89 -6.03 2.59 16.90
N ASP B 90 -7.34 2.63 16.84
CA ASP B 90 -8.16 1.60 16.20
C ASP B 90 -8.25 1.81 14.68
N SER B 91 -7.77 2.96 14.19
CA SER B 91 -7.79 3.18 12.76
C SER B 91 -6.84 2.20 12.08
N ALA B 92 -7.42 1.28 11.32
CA ALA B 92 -6.66 0.20 10.71
C ALA B 92 -7.47 -0.47 9.60
N VAL B 93 -6.78 -1.38 8.91
CA VAL B 93 -7.51 -2.31 8.06
C VAL B 93 -7.65 -3.62 8.87
N TYR B 94 -8.88 -4.11 8.93
CA TYR B 94 -9.14 -5.35 9.65
C TYR B 94 -9.44 -6.46 8.65
N PHE B 95 -8.78 -7.60 8.82
CA PHE B 95 -8.92 -8.75 7.95
C PHE B 95 -9.53 -9.95 8.69
N CYS B 96 -10.35 -10.70 7.99
CA CYS B 96 -10.75 -12.02 8.47
C CYS B 96 -10.05 -13.11 7.64
N ALA B 97 -9.85 -14.26 8.25
CA ALA B 97 -9.19 -15.37 7.58
C ALA B 97 -9.70 -16.72 8.08
N ARG B 98 -9.76 -17.68 7.16
CA ARG B 98 -10.12 -19.04 7.53
C ARG B 98 -8.86 -19.85 7.87
N ALA B 99 -8.91 -20.52 9.02
CA ALA B 99 -7.98 -21.57 9.38
C ALA B 99 -8.38 -22.82 8.61
N GLY B 100 -7.55 -23.24 7.67
CA GLY B 100 -7.82 -24.33 6.78
C GLY B 100 -7.95 -25.69 7.42
N GLY B 101 -7.52 -25.82 8.67
CA GLY B 101 -7.53 -27.06 9.42
C GLY B 101 -6.70 -26.96 10.68
N TYR B 102 -6.13 -28.09 11.08
CA TYR B 102 -5.40 -28.28 12.32
C TYR B 102 -4.04 -27.60 12.34
N TYR B 103 -4.06 -26.36 12.81
CA TYR B 103 -2.87 -25.52 12.89
C TYR B 103 -2.18 -25.42 11.53
N THR B 104 -2.94 -25.27 10.46
CA THR B 104 -2.41 -25.21 9.10
C THR B 104 -2.42 -23.81 8.51
N GLY B 105 -2.63 -22.75 9.29
CA GLY B 105 -2.51 -21.39 8.79
C GLY B 105 -3.75 -20.89 8.09
N GLY B 106 -3.77 -19.65 7.60
CA GLY B 106 -4.97 -19.13 6.96
C GLY B 106 -4.97 -19.29 5.46
N ASP B 107 -5.84 -20.15 4.94
CA ASP B 107 -5.82 -20.54 3.53
C ASP B 107 -6.69 -19.69 2.62
N TYR B 108 -7.64 -18.96 3.18
CA TYR B 108 -8.49 -17.99 2.51
C TYR B 108 -8.59 -16.72 3.34
N TRP B 109 -8.56 -15.56 2.68
CA TRP B 109 -8.57 -14.26 3.28
C TRP B 109 -9.64 -13.35 2.70
N GLY B 110 -10.22 -12.54 3.58
CA GLY B 110 -11.09 -11.46 3.16
C GLY B 110 -10.24 -10.36 2.53
N GLN B 111 -10.87 -9.39 1.88
CA GLN B 111 -10.16 -8.29 1.25
C GLN B 111 -9.84 -7.15 2.21
N GLY B 112 -10.30 -7.28 3.45
CA GLY B 112 -10.04 -6.34 4.51
C GLY B 112 -11.05 -5.21 4.60
N THR B 113 -11.28 -4.68 5.80
CA THR B 113 -12.17 -3.54 6.01
C THR B 113 -11.37 -2.37 6.57
N SER B 114 -11.42 -1.24 5.88
CA SER B 114 -10.75 -0.06 6.41
C SER B 114 -11.63 0.73 7.35
N VAL B 115 -11.20 0.84 8.60
CA VAL B 115 -11.87 1.66 9.61
C VAL B 115 -11.05 2.91 9.93
N THR B 116 -11.68 4.07 9.83
CA THR B 116 -11.04 5.36 10.09
C THR B 116 -11.83 6.06 11.20
N VAL B 117 -11.14 6.28 12.31
CA VAL B 117 -11.66 6.90 13.52
C VAL B 117 -11.24 8.38 13.58
N SER B 118 -12.17 9.26 13.26
CA SER B 118 -11.89 10.69 13.08
C SER B 118 -13.09 11.58 13.40
N SER B 119 -12.84 12.75 13.97
CA SER B 119 -13.91 13.75 14.10
C SER B 119 -14.00 14.58 12.82
N ALA B 120 -12.93 14.56 12.05
CA ALA B 120 -12.78 15.21 10.78
C ALA B 120 -13.88 14.87 9.79
N LYS B 121 -14.21 15.88 8.98
CA LYS B 121 -15.32 15.63 8.08
C LYS B 121 -14.84 15.16 6.71
N THR B 122 -15.73 14.44 6.05
CA THR B 122 -15.50 13.96 4.69
C THR B 122 -15.38 15.16 3.76
N THR B 123 -14.37 15.15 2.90
CA THR B 123 -14.13 16.21 1.93
C THR B 123 -13.74 15.63 0.57
N PRO B 124 -14.46 16.00 -0.49
CA PRO B 124 -14.16 15.47 -1.83
C PRO B 124 -12.92 16.10 -2.42
N PRO B 125 -12.28 15.37 -3.34
CA PRO B 125 -11.04 15.89 -3.92
C PRO B 125 -11.29 16.90 -5.03
N SER B 126 -10.27 17.73 -5.18
CA SER B 126 -10.07 18.56 -6.35
C SER B 126 -9.11 17.82 -7.28
N VAL B 127 -9.50 17.71 -8.54
CA VAL B 127 -8.68 17.00 -9.52
C VAL B 127 -8.18 17.97 -10.57
N TYR B 128 -6.85 18.11 -10.69
CA TYR B 128 -6.36 19.07 -11.67
C TYR B 128 -5.56 18.38 -12.76
N PRO B 129 -5.75 18.81 -14.00
CA PRO B 129 -5.00 18.22 -15.11
C PRO B 129 -3.53 18.64 -15.09
N LEU B 130 -2.64 17.72 -15.45
CA LEU B 130 -1.22 17.99 -15.62
C LEU B 130 -0.81 17.76 -17.08
N ALA B 131 -0.68 18.85 -17.83
CA ALA B 131 -0.30 18.82 -19.22
C ALA B 131 1.01 19.59 -19.40
N PRO B 132 1.89 19.14 -20.28
CA PRO B 132 3.20 19.80 -20.40
C PRO B 132 3.04 21.29 -20.68
N GLY B 133 3.75 22.12 -19.94
CA GLY B 133 3.68 23.56 -20.03
C GLY B 133 4.64 24.14 -21.05
N SER B 134 5.71 24.76 -20.57
CA SER B 134 6.71 25.37 -21.44
C SER B 134 8.06 24.63 -21.38
N ALA B 135 8.27 23.78 -22.38
CA ALA B 135 9.50 23.00 -22.46
C ALA B 135 9.29 21.69 -23.20
N ALA B 136 8.76 21.78 -24.42
CA ALA B 136 8.50 20.61 -25.23
C ALA B 136 9.00 19.34 -24.56
N GLN B 137 8.12 18.69 -23.81
CA GLN B 137 8.47 17.46 -23.11
C GLN B 137 8.79 16.33 -24.09
N THR B 138 9.91 15.66 -23.88
CA THR B 138 10.33 14.56 -24.74
C THR B 138 9.61 14.61 -26.09
N ASN B 139 9.74 13.54 -26.85
CA ASN B 139 9.10 13.46 -28.16
C ASN B 139 8.55 12.06 -28.43
N SER B 140 9.41 11.06 -28.32
CA SER B 140 9.00 9.67 -28.55
C SER B 140 7.89 9.25 -27.59
N MET B 141 8.04 9.51 -26.29
CA MET B 141 6.93 9.27 -25.36
C MET B 141 6.43 10.61 -24.82
N VAL B 142 5.21 10.68 -24.31
CA VAL B 142 4.82 11.91 -23.62
C VAL B 142 4.18 11.54 -22.28
N THR B 143 4.52 12.27 -21.23
CA THR B 143 4.01 12.01 -19.90
C THR B 143 2.95 13.04 -19.53
N LEU B 144 1.83 12.56 -19.02
CA LEU B 144 0.74 13.42 -18.58
C LEU B 144 0.38 13.07 -17.13
N GLY B 145 -0.55 13.81 -16.51
CA GLY B 145 -0.89 13.36 -15.16
C GLY B 145 -2.08 14.11 -14.63
N CYS B 146 -2.45 13.76 -13.40
CA CYS B 146 -3.51 14.41 -12.67
C CYS B 146 -3.06 14.59 -11.21
N LEU B 147 -3.35 15.77 -10.70
CA LEU B 147 -3.13 16.12 -9.30
C LEU B 147 -4.45 15.98 -8.54
N VAL B 148 -4.49 15.16 -7.51
CA VAL B 148 -5.71 14.95 -6.73
C VAL B 148 -5.52 15.55 -5.35
N LYS B 149 -6.24 16.63 -5.07
CA LYS B 149 -5.86 17.44 -3.92
C LYS B 149 -6.99 17.64 -2.93
N GLY B 150 -6.65 17.64 -1.64
CA GLY B 150 -7.51 18.05 -0.57
C GLY B 150 -8.74 17.26 -0.21
N TYR B 151 -8.61 15.93 -0.19
CA TYR B 151 -9.69 15.07 0.26
C TYR B 151 -9.43 14.41 1.61
N PHE B 152 -10.52 13.87 2.15
CA PHE B 152 -10.52 13.09 3.38
C PHE B 152 -11.77 12.22 3.38
N PRO B 153 -11.76 10.99 3.85
CA PRO B 153 -10.57 10.23 4.24
C PRO B 153 -10.04 9.45 3.04
N GLU B 154 -8.94 8.72 3.24
CA GLU B 154 -8.43 7.81 2.23
C GLU B 154 -9.49 6.74 2.03
N PRO B 155 -9.53 6.04 0.90
CA PRO B 155 -8.68 6.30 -0.26
C PRO B 155 -9.45 6.98 -1.39
N VAL B 156 -8.73 7.23 -2.47
CA VAL B 156 -9.29 7.53 -3.78
C VAL B 156 -8.83 6.40 -4.71
N THR B 157 -9.55 6.19 -5.80
CA THR B 157 -9.12 5.22 -6.83
C THR B 157 -8.90 5.99 -8.13
N VAL B 158 -7.71 5.93 -8.69
CA VAL B 158 -7.43 6.64 -9.93
C VAL B 158 -7.31 5.60 -11.05
N THR B 159 -7.91 5.94 -12.17
CA THR B 159 -7.79 5.17 -13.40
C THR B 159 -7.61 6.17 -14.55
N TRP B 160 -7.21 5.65 -15.70
CA TRP B 160 -7.04 6.37 -16.95
C TRP B 160 -7.87 5.68 -18.03
N ASN B 161 -8.61 6.47 -18.79
CA ASN B 161 -9.57 5.98 -19.79
C ASN B 161 -10.38 4.83 -19.24
N SER B 162 -10.94 5.10 -18.06
CA SER B 162 -11.82 4.19 -17.35
C SER B 162 -11.21 2.81 -17.21
N GLY B 163 -9.89 2.76 -17.04
CA GLY B 163 -9.23 1.48 -16.83
C GLY B 163 -8.60 0.87 -18.05
N SER B 164 -8.86 1.38 -19.24
CA SER B 164 -8.33 0.76 -20.46
C SER B 164 -6.90 1.21 -20.73
N LEU B 165 -6.54 2.31 -20.06
CA LEU B 165 -5.16 2.79 -20.11
C LEU B 165 -4.48 2.46 -18.77
N SER B 166 -3.79 1.32 -18.75
CA SER B 166 -3.16 0.85 -17.52
C SER B 166 -1.65 0.79 -17.63
N SER B 167 -1.11 0.68 -18.84
CA SER B 167 0.35 0.67 -18.96
C SER B 167 0.91 2.08 -18.77
N GLY B 168 2.13 2.14 -18.26
CA GLY B 168 2.91 3.31 -18.00
C GLY B 168 2.29 4.27 -17.00
N VAL B 169 1.49 3.72 -16.09
CA VAL B 169 0.81 4.52 -15.07
C VAL B 169 1.53 4.37 -13.72
N HIS B 170 1.72 5.48 -13.01
CA HIS B 170 2.23 5.48 -11.65
C HIS B 170 1.28 6.30 -10.77
N THR B 171 0.57 5.63 -9.88
CA THR B 171 -0.26 6.38 -8.94
C THR B 171 0.46 6.44 -7.59
N PHE B 172 0.81 7.63 -7.15
CA PHE B 172 1.64 7.79 -5.95
C PHE B 172 0.86 7.72 -4.66
N PRO B 173 1.47 7.17 -3.60
CA PRO B 173 0.84 7.20 -2.27
C PRO B 173 0.51 8.62 -1.83
N ALA B 174 -0.58 8.80 -1.11
CA ALA B 174 -1.07 10.12 -0.67
C ALA B 174 -0.25 10.70 0.47
N VAL B 175 -0.17 12.02 0.57
CA VAL B 175 0.48 12.69 1.70
C VAL B 175 -0.59 13.49 2.45
N LEU B 176 -0.55 13.38 3.76
CA LEU B 176 -1.54 13.96 4.66
C LEU B 176 -1.00 15.24 5.30
N GLN B 177 -1.66 16.34 5.03
CA GLN B 177 -1.27 17.67 5.47
C GLN B 177 -2.51 18.50 5.77
N SER B 178 -2.56 19.09 6.96
CA SER B 178 -3.67 19.93 7.37
C SER B 178 -5.02 19.24 7.15
N ASP B 179 -5.10 18.03 7.68
CA ASP B 179 -6.25 17.16 7.75
C ASP B 179 -6.70 16.73 6.37
N LEU B 180 -5.84 16.95 5.36
CA LEU B 180 -6.28 16.55 4.02
C LEU B 180 -5.18 15.80 3.28
N TYR B 181 -5.60 14.98 2.32
CA TYR B 181 -4.69 14.18 1.53
C TYR B 181 -4.52 14.67 0.09
N THR B 182 -3.31 14.49 -0.40
CA THR B 182 -2.97 14.79 -1.78
C THR B 182 -2.14 13.66 -2.40
N LEU B 183 -2.47 13.36 -3.64
CA LEU B 183 -1.88 12.33 -4.48
C LEU B 183 -1.76 12.86 -5.91
N SER B 184 -0.87 12.27 -6.69
CA SER B 184 -0.76 12.52 -8.13
C SER B 184 -0.69 11.15 -8.82
N SER B 185 -1.03 11.18 -10.09
CA SER B 185 -0.93 10.03 -10.98
C SER B 185 -0.33 10.48 -12.32
N SER B 186 0.66 9.74 -12.78
CA SER B 186 1.29 10.02 -14.05
C SER B 186 0.92 8.92 -15.03
N VAL B 187 0.85 9.29 -16.31
CA VAL B 187 0.67 8.28 -17.35
C VAL B 187 1.57 8.64 -18.53
N THR B 188 2.27 7.64 -19.08
CA THR B 188 3.12 7.91 -20.24
C THR B 188 2.64 7.09 -21.43
N VAL B 189 2.38 7.79 -22.54
CA VAL B 189 1.95 7.25 -23.82
C VAL B 189 2.89 7.68 -24.94
N PRO B 190 2.81 7.00 -26.07
CA PRO B 190 3.59 7.44 -27.23
C PRO B 190 3.10 8.82 -27.70
N SER B 191 4.01 9.70 -28.05
CA SER B 191 3.79 11.08 -28.45
C SER B 191 2.80 11.27 -29.60
N SER B 192 2.89 10.40 -30.59
CA SER B 192 2.04 10.42 -31.76
C SER B 192 0.60 10.09 -31.42
N THR B 193 0.34 9.65 -30.19
CA THR B 193 -1.00 9.21 -29.84
C THR B 193 -1.80 10.26 -29.08
N TRP B 194 -1.12 11.32 -28.66
CA TRP B 194 -1.76 12.38 -27.88
C TRP B 194 -1.44 13.72 -28.53
N PRO B 195 -2.42 14.60 -28.69
CA PRO B 195 -3.78 14.42 -28.21
C PRO B 195 -4.72 13.66 -29.14
N SER B 196 -4.23 13.10 -30.23
CA SER B 196 -5.03 12.30 -31.16
C SER B 196 -5.92 11.29 -30.44
N GLU B 197 -5.38 10.40 -29.62
CA GLU B 197 -6.20 9.40 -28.92
C GLU B 197 -6.36 9.82 -27.45
N THR B 198 -7.53 10.29 -27.08
CA THR B 198 -7.70 11.05 -25.85
C THR B 198 -7.24 10.30 -24.61
N VAL B 199 -6.82 11.07 -23.61
CA VAL B 199 -6.33 10.54 -22.34
C VAL B 199 -7.02 11.29 -21.20
N THR B 200 -7.81 10.61 -20.42
CA THR B 200 -8.66 11.15 -19.37
C THR B 200 -8.38 10.45 -18.05
N CYS B 201 -8.18 11.20 -16.98
CA CYS B 201 -8.05 10.56 -15.67
C CYS B 201 -9.39 10.52 -14.93
N ASN B 202 -9.66 9.42 -14.24
CA ASN B 202 -10.88 9.23 -13.45
C ASN B 202 -10.57 9.01 -11.97
N VAL B 203 -11.10 9.86 -11.11
CA VAL B 203 -10.80 9.79 -9.69
C VAL B 203 -12.11 9.56 -8.93
N ALA B 204 -12.20 8.41 -8.31
CA ALA B 204 -13.28 7.99 -7.45
C ALA B 204 -12.90 8.17 -5.98
N HIS B 205 -13.80 8.78 -5.22
CA HIS B 205 -13.69 8.97 -3.79
C HIS B 205 -14.99 8.47 -3.14
N PRO B 206 -14.99 7.19 -2.80
CA PRO B 206 -16.16 6.53 -2.22
C PRO B 206 -16.76 7.23 -1.02
N ALA B 207 -15.92 7.67 -0.08
CA ALA B 207 -16.46 8.31 1.12
C ALA B 207 -17.36 9.50 0.81
N SER B 208 -17.03 10.30 -0.20
CA SER B 208 -17.83 11.47 -0.56
C SER B 208 -18.76 11.21 -1.74
N SER B 209 -18.92 9.95 -2.12
CA SER B 209 -19.83 9.54 -3.19
C SER B 209 -19.62 10.41 -4.43
N THR B 210 -18.34 10.62 -4.76
CA THR B 210 -17.98 11.50 -5.85
C THR B 210 -16.98 10.84 -6.79
N LYS B 211 -17.15 11.12 -8.08
CA LYS B 211 -16.16 10.81 -9.10
C LYS B 211 -15.98 12.02 -10.01
N VAL B 212 -14.73 12.36 -10.34
CA VAL B 212 -14.49 13.40 -11.34
C VAL B 212 -13.48 12.97 -12.38
N ASP B 213 -13.79 13.38 -13.60
CA ASP B 213 -12.96 13.02 -14.75
C ASP B 213 -12.38 14.30 -15.35
N LYS B 214 -11.10 14.22 -15.67
CA LYS B 214 -10.41 15.30 -16.37
C LYS B 214 -9.76 14.74 -17.64
N LYS B 215 -10.14 15.26 -18.78
CA LYS B 215 -9.43 14.95 -20.03
C LYS B 215 -8.22 15.90 -20.10
N ILE B 216 -7.05 15.38 -20.37
CA ILE B 216 -5.83 16.21 -20.47
C ILE B 216 -5.71 16.73 -21.90
N VAL B 217 -5.73 18.05 -21.98
CA VAL B 217 -5.66 18.68 -23.30
C VAL B 217 -4.44 19.57 -23.40
N PRO B 218 -3.89 19.69 -24.61
CA PRO B 218 -2.65 20.45 -24.73
C PRO B 218 -2.84 21.90 -24.30
C1 CFC C . -3.45 -16.27 11.96
C2 CFC C . -4.36 -15.81 12.91
C3 CFC C . -5.37 -15.11 12.23
C4 CFC C . -5.09 -15.16 10.88
C5 CFC C . -3.90 -15.87 10.71
C6 CFC C . -5.56 -18.84 12.47
C7 CFC C . -6.74 -18.11 12.50
C8 CFC C . -7.09 -17.81 11.19
C9 CFC C . -6.13 -18.35 10.35
C10 CFC C . -5.18 -18.99 11.13
O1 CFC C . -1.95 -17.84 10.97
O2 CFC C . -5.39 -19.08 14.89
C11 CFC C . -2.19 -17.12 11.99
O3 CFC C . -3.87 -19.94 13.57
FE CFC C . -5.28 -17.03 11.62
N1 CFC C . -1.48 -17.21 13.08
C12 CFC C . -0.42 -18.23 12.97
C13 CFC C . -1.52 -16.55 14.39
C14 CFC C . -4.90 -19.31 13.70
#